data_1R49
#
_entry.id   1R49
#
_cell.length_a   56.944
_cell.length_b   118.638
_cell.length_c   71.651
_cell.angle_alpha   90.00
_cell.angle_beta   98.33
_cell.angle_gamma   90.00
#
_symmetry.space_group_name_H-M   'P 1 21 1'
#
loop_
_entity.id
_entity.type
_entity.pdbx_description
1 polymer "5'-D(*AP*AP*AP*AP*AP*GP*AP*CP*TP*TP*AP*GP*AP*AP*AP*AP*AP*TP*TP*TP*TP*T)-3'"
2 polymer "5'-D(P*AP*AP*AP*AP*AP*TP*TP*TP*TP*TP*CP*TP*AP*AP*GP*TP*CP*TP*TP*TP*TP*T)-3'"
3 polymer 'DNA topoisomerase I'
4 water water
#
loop_
_entity_poly.entity_id
_entity_poly.type
_entity_poly.pdbx_seq_one_letter_code
_entity_poly.pdbx_strand_id
1 'polydeoxyribonucleotide'
;(DA)(DA)(DA)(DA)(DA)(DG)(DA)(DC)(DT)(DT)(DA)(DG)(DA)(DA)(DA)(DA)(DA)(DT)(DT)(DT)
(DT)(DT)
;
B
2 'polydeoxyribonucleotide'
;(DA)(DA)(DA)(DA)(DA)(DT)(DT)(DT)(DT)(DT)(DC)(DT)(DA)(DA)(DG)(DT)(DC)(DT)(DT)(DT)
(DT)(DT)
;
C
3 'polypeptide(L)'
;KKPKNKDKDKKVPEPDNKKKKPKKEEEQKWKWWEEERYPEGIKWKFLEHKGPVFAPPYEPLPENVKFYYDGKVMKLSPKA
EEVATFFAKMLDHEYTTKEIFRKNFFKDWRKEMTNEEKNIITNLSKCDFTQMSQYFKAQTEARKQMSKEEKLKIKEENEK
LLKEYGFCIMDNHKERIANFKIEPPGLFRGRGNHPKMGMLKRRIMPEDIIINCSKDAKVPSPPPGHKWKEVRHDNKVTWL
VSWTENIQGSIKYIMLNPSSRIKGEKDWQKYETARRLKKCVDKIRNQYREDWKSKEMKVRQRAVALYFIDKLALRAGNEK
EEGETADTVGCCSLRVEHINLHPELDGQEYVVEFDFLGRDSIRYYNKVPVEKRVFKNLQLFMENKQPEDDLFDRLNTGIL
NKHLQDLMEGLTAKVFRTYNASITLQQQLKELTAPDENIPAKILSYNRANRAVAILCNHQRAPPKTFEKSMMNLQTKIDA
KKEQLADARRDLKSAKADAKVMKDAKTKKVVESKKKAVQRLEEQLMKLEVQATDREENKQIALGTSKLNFLDPRITVAWC
KKWGVPIEKIYNKTQREKFAWAIDMADEDYEF
;
A
#
loop_
_chem_comp.id
_chem_comp.type
_chem_comp.name
_chem_comp.formula
DA DNA linking 2'-DEOXYADENOSINE-5'-MONOPHOSPHATE 'C10 H14 N5 O6 P'
DC DNA linking 2'-DEOXYCYTIDINE-5'-MONOPHOSPHATE 'C9 H14 N3 O7 P'
DG DNA linking 2'-DEOXYGUANOSINE-5'-MONOPHOSPHATE 'C10 H14 N5 O7 P'
DT DNA linking THYMIDINE-5'-MONOPHOSPHATE 'C10 H15 N2 O8 P'
#
# COMPACT_ATOMS: atom_id res chain seq x y z
N LYS C 29 23.90 3.12 10.98
CA LYS C 29 24.67 3.36 9.72
C LYS C 29 23.92 2.93 8.57
N TRP C 30 24.48 3.39 7.47
CA TRP C 30 23.48 2.57 6.39
C TRP C 30 24.66 3.97 5.19
N LYS C 31 24.50 4.44 3.65
CA LYS C 31 24.94 5.46 2.70
C LYS C 31 24.58 6.86 3.19
N TRP C 32 24.21 7.75 2.26
CA TRP C 32 24.23 7.48 0.82
C TRP C 32 23.59 8.63 0.04
N TRP C 33 22.55 9.24 0.60
CA TRP C 33 22.45 10.76 0.20
C TRP C 33 23.49 11.97 0.21
N GLU C 34 24.37 11.68 1.17
CA GLU C 34 25.80 11.99 1.06
C GLU C 34 26.50 10.94 0.18
N GLU C 35 26.32 11.08 -1.12
CA GLU C 35 26.89 10.15 -2.09
C GLU C 35 26.91 10.87 -3.44
N GLU C 36 27.65 10.33 -4.39
CA GLU C 36 27.87 11.05 -5.65
C GLU C 36 27.07 10.51 -6.83
N ARG C 37 25.95 11.19 -7.10
CA ARG C 37 25.07 10.89 -8.26
C ARG C 37 25.52 9.81 -9.25
N TYR C 38 24.87 8.66 -9.15
CA TYR C 38 24.84 7.68 -10.24
C TYR C 38 24.13 8.29 -11.44
N PRO C 39 24.76 8.23 -12.62
CA PRO C 39 24.14 8.78 -13.84
C PRO C 39 22.95 7.94 -14.25
N GLU C 40 22.03 8.55 -14.99
CA GLU C 40 20.95 7.79 -15.66
C GLU C 40 21.52 6.60 -16.47
N GLY C 41 20.71 5.53 -16.55
CA GLY C 41 21.08 4.39 -17.37
C GLY C 41 21.78 3.29 -16.59
N ILE C 42 22.70 3.68 -15.71
CA ILE C 42 23.41 2.70 -14.89
C ILE C 42 22.68 2.50 -13.56
N LYS C 43 22.37 1.25 -13.25
CA LYS C 43 21.72 0.92 -11.99
C LYS C 43 22.76 0.50 -10.97
N TRP C 44 23.64 -0.41 -11.39
CA TRP C 44 24.69 -0.91 -10.51
C TRP C 44 25.94 -1.31 -11.28
N LYS C 45 27.05 -1.44 -10.57
CA LYS C 45 28.30 -1.89 -11.16
C LYS C 45 28.57 -3.34 -10.74
N PHE C 46 28.30 -3.62 -9.48
CA PHE C 46 28.43 -4.97 -8.95
C PHE C 46 27.13 -5.42 -8.30
N LEU C 47 26.71 -6.64 -8.61
CA LEU C 47 25.49 -7.20 -8.03
C LEU C 47 25.66 -8.69 -7.85
N GLU C 48 25.52 -9.17 -6.61
CA GLU C 48 25.64 -10.59 -6.33
C GLU C 48 24.77 -11.00 -5.14
N HIS C 49 24.08 -12.14 -5.27
CA HIS C 49 23.20 -12.62 -4.22
C HIS C 49 23.18 -14.15 -4.12
N LYS C 50 22.23 -14.68 -3.37
CA LYS C 50 22.18 -16.12 -3.10
C LYS C 50 20.92 -16.79 -3.66
N GLY C 51 20.23 -16.09 -4.55
CA GLY C 51 19.04 -16.64 -5.19
C GLY C 51 17.81 -16.61 -4.30
N PRO C 52 16.69 -17.07 -4.85
CA PRO C 52 15.39 -16.96 -4.18
C PRO C 52 15.05 -18.20 -3.35
N VAL C 53 14.36 -17.99 -2.23
CA VAL C 53 13.93 -19.09 -1.38
C VAL C 53 12.61 -19.67 -1.90
N PHE C 54 12.68 -20.87 -2.47
CA PHE C 54 11.51 -21.51 -3.06
C PHE C 54 10.53 -21.97 -1.99
N ALA C 55 9.29 -22.23 -2.40
CA ALA C 55 8.28 -22.71 -1.47
C ALA C 55 8.59 -24.14 -1.06
N PRO C 56 8.62 -24.38 0.24
CA PRO C 56 8.91 -25.72 0.78
C PRO C 56 8.00 -26.78 0.19
N PRO C 57 8.58 -27.93 -0.14
CA PRO C 57 7.84 -29.04 -0.75
C PRO C 57 6.53 -29.34 -0.02
N TYR C 58 5.52 -29.75 -0.79
CA TYR C 58 4.18 -29.98 -0.26
C TYR C 58 4.13 -31.19 0.63
N GLU C 59 3.68 -31.00 1.86
CA GLU C 59 3.51 -32.10 2.81
C GLU C 59 2.15 -32.74 2.64
N PRO C 60 2.14 -34.03 2.28
CA PRO C 60 0.90 -34.77 2.04
C PRO C 60 0.04 -34.87 3.28
N LEU C 61 -1.28 -34.99 3.10
CA LEU C 61 -2.21 -35.01 4.22
C LEU C 61 -2.03 -36.25 5.08
N PRO C 62 -2.17 -36.07 6.39
CA PRO C 62 -2.15 -37.20 7.34
C PRO C 62 -3.19 -38.25 6.97
N GLU C 63 -3.06 -39.44 7.54
CA GLU C 63 -3.96 -40.54 7.21
C GLU C 63 -5.41 -40.23 7.57
N ASN C 64 -5.62 -39.82 8.83
CA ASN C 64 -6.98 -39.55 9.32
C ASN C 64 -7.56 -38.21 8.87
N VAL C 65 -7.01 -37.64 7.80
CA VAL C 65 -7.57 -36.44 7.20
C VAL C 65 -8.05 -36.80 5.80
N LYS C 66 -9.35 -37.01 5.68
CA LYS C 66 -9.91 -37.57 4.45
C LYS C 66 -10.71 -36.59 3.62
N PHE C 67 -10.92 -36.95 2.36
CA PHE C 67 -11.69 -36.12 1.43
C PHE C 67 -12.74 -36.97 0.71
N TYR C 68 -14.02 -36.71 0.99
CA TYR C 68 -15.09 -37.49 0.38
C TYR C 68 -15.77 -36.75 -0.77
N TYR C 69 -15.93 -37.44 -1.89
CA TYR C 69 -16.64 -36.88 -3.04
C TYR C 69 -17.98 -37.62 -3.22
N ASP C 70 -19.06 -36.98 -2.80
CA ASP C 70 -20.39 -37.59 -2.81
C ASP C 70 -20.59 -38.47 -1.57
N GLY C 71 -19.85 -38.16 -0.52
CA GLY C 71 -19.88 -38.97 0.69
C GLY C 71 -18.91 -40.13 0.58
N LYS C 72 -18.49 -40.42 -0.65
CA LYS C 72 -17.53 -41.49 -0.91
C LYS C 72 -16.12 -41.04 -0.59
N VAL C 73 -15.47 -41.75 0.32
CA VAL C 73 -14.10 -41.44 0.72
C VAL C 73 -13.14 -41.56 -0.45
N MET C 74 -12.22 -40.61 -0.56
CA MET C 74 -11.26 -40.61 -1.66
C MET C 74 -9.87 -40.14 -1.23
N LYS C 75 -8.85 -40.74 -1.84
CA LYS C 75 -7.46 -40.36 -1.61
C LYS C 75 -6.89 -39.87 -2.94
N LEU C 76 -6.78 -38.55 -3.06
CA LEU C 76 -6.34 -37.95 -4.31
C LEU C 76 -4.83 -38.06 -4.49
N SER C 77 -4.40 -38.04 -5.75
CA SER C 77 -2.97 -37.99 -6.07
C SER C 77 -2.37 -36.70 -5.51
N PRO C 78 -1.06 -36.72 -5.23
CA PRO C 78 -0.40 -35.60 -4.56
C PRO C 78 -0.59 -34.27 -5.27
N LYS C 79 -0.60 -34.27 -6.60
CA LYS C 79 -0.80 -33.04 -7.36
C LYS C 79 -2.24 -32.54 -7.25
N ALA C 80 -3.18 -33.48 -7.18
CA ALA C 80 -4.58 -33.13 -7.02
C ALA C 80 -4.92 -32.81 -5.57
N GLU C 81 -4.30 -33.55 -4.66
CA GLU C 81 -4.49 -33.33 -3.22
C GLU C 81 -3.95 -31.97 -2.81
N GLU C 82 -2.88 -31.55 -3.47
CA GLU C 82 -2.28 -30.25 -3.20
C GLU C 82 -3.31 -29.17 -3.42
N VAL C 83 -3.80 -29.09 -4.66
CA VAL C 83 -4.79 -28.09 -5.01
C VAL C 83 -5.97 -28.13 -4.05
N ALA C 84 -6.46 -29.34 -3.78
CA ALA C 84 -7.59 -29.51 -2.87
C ALA C 84 -7.39 -28.73 -1.58
N THR C 85 -6.16 -28.77 -1.05
CA THR C 85 -5.86 -28.08 0.20
C THR C 85 -6.02 -26.57 0.05
N PHE C 86 -5.67 -26.06 -1.12
CA PHE C 86 -5.77 -24.63 -1.39
C PHE C 86 -7.20 -24.16 -1.17
N PHE C 87 -8.16 -24.93 -1.68
CA PHE C 87 -9.57 -24.63 -1.50
C PHE C 87 -10.00 -24.94 -0.07
N ALA C 88 -9.44 -26.00 0.50
CA ALA C 88 -9.76 -26.41 1.86
C ALA C 88 -9.47 -25.29 2.86
N LYS C 89 -8.42 -24.51 2.58
CA LYS C 89 -8.01 -23.43 3.46
C LYS C 89 -8.92 -22.23 3.33
N MET C 90 -9.42 -21.99 2.12
CA MET C 90 -10.30 -20.85 1.89
C MET C 90 -11.77 -21.23 2.01
N LEU C 91 -12.06 -22.35 2.66
CA LEU C 91 -13.43 -22.83 2.79
C LEU C 91 -14.19 -22.07 3.87
N ASP C 92 -13.69 -20.88 4.22
CA ASP C 92 -14.33 -20.05 5.21
C ASP C 92 -14.40 -18.61 4.70
N HIS C 93 -14.11 -18.44 3.42
CA HIS C 93 -13.99 -17.12 2.83
C HIS C 93 -15.06 -16.85 1.77
N GLU C 94 -15.28 -15.56 1.48
CA GLU C 94 -16.28 -15.16 0.50
C GLU C 94 -15.92 -15.65 -0.90
N TYR C 95 -14.63 -15.69 -1.18
CA TYR C 95 -14.15 -16.11 -2.49
C TYR C 95 -14.85 -17.39 -2.94
N THR C 96 -14.86 -18.39 -2.07
CA THR C 96 -15.38 -19.71 -2.40
C THR C 96 -16.92 -19.77 -2.46
N THR C 97 -17.58 -18.63 -2.25
CA THR C 97 -19.03 -18.57 -2.39
C THR C 97 -19.42 -17.98 -3.74
N LYS C 98 -18.42 -17.56 -4.51
CA LYS C 98 -18.67 -16.88 -5.78
C LYS C 98 -18.44 -17.79 -6.98
N GLU C 99 -19.34 -17.68 -7.97
CA GLU C 99 -19.30 -18.57 -9.14
C GLU C 99 -18.01 -18.44 -9.94
N ILE C 100 -17.68 -17.21 -10.37
CA ILE C 100 -16.48 -16.98 -11.17
C ILE C 100 -15.28 -17.70 -10.57
N PHE C 101 -15.14 -17.58 -9.25
CA PHE C 101 -14.09 -18.25 -8.52
C PHE C 101 -14.17 -19.77 -8.68
N ARG C 102 -15.30 -20.32 -8.24
CA ARG C 102 -15.53 -21.75 -8.28
C ARG C 102 -15.49 -22.32 -9.69
N LYS C 103 -15.89 -21.51 -10.67
CA LYS C 103 -15.85 -21.93 -12.06
C LYS C 103 -14.41 -22.11 -12.54
N ASN C 104 -13.59 -21.10 -12.28
CA ASN C 104 -12.19 -21.14 -12.68
C ASN C 104 -11.37 -22.15 -11.89
N PHE C 105 -11.65 -22.26 -10.59
CA PHE C 105 -10.93 -23.19 -9.73
C PHE C 105 -11.04 -24.63 -10.22
N PHE C 106 -12.27 -25.11 -10.40
CA PHE C 106 -12.48 -26.49 -10.76
C PHE C 106 -11.79 -26.85 -12.07
N LYS C 107 -12.03 -26.03 -13.10
CA LYS C 107 -11.44 -26.28 -14.41
C LYS C 107 -9.92 -26.50 -14.29
N ASP C 108 -9.26 -25.62 -13.54
CA ASP C 108 -7.83 -25.71 -13.35
C ASP C 108 -7.46 -26.92 -12.50
N TRP C 109 -8.31 -27.23 -11.53
CA TRP C 109 -8.11 -28.40 -10.67
C TRP C 109 -8.31 -29.67 -11.47
N ARG C 110 -9.16 -29.60 -12.49
CA ARG C 110 -9.42 -30.73 -13.36
C ARG C 110 -8.17 -31.09 -14.15
N LYS C 111 -7.31 -30.10 -14.39
CA LYS C 111 -6.10 -30.31 -15.17
C LYS C 111 -5.05 -31.05 -14.35
N GLU C 112 -5.05 -30.80 -13.05
CA GLU C 112 -4.09 -31.43 -12.15
C GLU C 112 -4.62 -32.78 -11.68
N MET C 113 -5.45 -33.40 -12.51
CA MET C 113 -6.09 -34.66 -12.13
C MET C 113 -5.76 -35.81 -13.09
N THR C 114 -5.48 -36.97 -12.51
CA THR C 114 -5.21 -38.17 -13.28
C THR C 114 -6.49 -38.69 -13.89
N ASN C 115 -6.38 -39.40 -15.01
CA ASN C 115 -7.55 -39.96 -15.69
C ASN C 115 -8.51 -40.65 -14.72
N GLU C 116 -7.94 -41.37 -13.76
CA GLU C 116 -8.74 -41.99 -12.70
C GLU C 116 -9.71 -40.98 -12.10
N GLU C 117 -9.15 -40.01 -11.39
CA GLU C 117 -9.93 -38.97 -10.74
C GLU C 117 -10.70 -38.13 -11.75
N LYS C 118 -10.00 -37.64 -12.77
CA LYS C 118 -10.63 -36.85 -13.83
C LYS C 118 -12.03 -37.37 -14.14
N ASN C 119 -12.10 -38.66 -14.49
CA ASN C 119 -13.37 -39.28 -14.85
C ASN C 119 -14.38 -39.29 -13.72
N ILE C 120 -13.91 -39.52 -12.50
CA ILE C 120 -14.78 -39.61 -11.33
C ILE C 120 -15.34 -38.26 -10.88
N ILE C 121 -14.46 -37.33 -10.52
CA ILE C 121 -14.88 -36.00 -10.07
C ILE C 121 -15.31 -35.15 -11.26
N THR C 122 -16.62 -34.90 -11.35
CA THR C 122 -17.16 -34.14 -12.47
C THR C 122 -17.62 -32.74 -12.07
N ASN C 123 -17.93 -32.57 -10.78
CA ASN C 123 -18.34 -31.26 -10.29
C ASN C 123 -17.81 -30.96 -8.88
N LEU C 124 -17.63 -29.68 -8.60
CA LEU C 124 -17.03 -29.25 -7.35
C LEU C 124 -18.01 -29.36 -6.18
N SER C 125 -19.28 -29.09 -6.46
CA SER C 125 -20.29 -29.03 -5.41
C SER C 125 -20.47 -30.36 -4.68
N LYS C 126 -20.05 -31.45 -5.32
CA LYS C 126 -20.21 -32.78 -4.74
C LYS C 126 -19.05 -33.17 -3.81
N CYS C 127 -17.98 -32.38 -3.88
CA CYS C 127 -16.79 -32.61 -3.05
C CYS C 127 -16.97 -32.07 -1.64
N ASP C 128 -16.40 -32.78 -0.67
CA ASP C 128 -16.51 -32.40 0.74
C ASP C 128 -15.13 -32.18 1.35
N PHE C 129 -14.78 -30.91 1.54
CA PHE C 129 -13.47 -30.53 2.08
C PHE C 129 -13.53 -30.31 3.59
N THR C 130 -14.72 -30.40 4.17
CA THR C 130 -14.93 -29.96 5.56
C THR C 130 -13.93 -30.56 6.56
N GLN C 131 -13.48 -31.78 6.29
CA GLN C 131 -12.52 -32.44 7.18
C GLN C 131 -11.12 -31.85 7.04
N MET C 132 -10.71 -31.62 5.79
CA MET C 132 -9.43 -30.98 5.51
C MET C 132 -9.43 -29.57 6.04
N SER C 133 -10.58 -28.90 5.93
CA SER C 133 -10.73 -27.55 6.47
C SER C 133 -10.47 -27.56 7.97
N GLN C 134 -11.24 -28.36 8.70
CA GLN C 134 -11.08 -28.45 10.15
C GLN C 134 -9.62 -28.72 10.51
N TYR C 135 -8.93 -29.48 9.66
CA TYR C 135 -7.56 -29.90 9.94
C TYR C 135 -6.59 -28.73 10.01
N PHE C 136 -6.55 -27.92 8.95
CA PHE C 136 -5.65 -26.77 8.92
C PHE C 136 -6.07 -25.75 9.96
N LYS C 137 -7.37 -25.72 10.26
CA LYS C 137 -7.88 -24.87 11.33
C LYS C 137 -7.33 -25.34 12.67
N ALA C 138 -7.18 -26.64 12.81
CA ALA C 138 -6.53 -27.22 13.99
C ALA C 138 -5.05 -26.85 13.94
N GLN C 139 -4.43 -27.09 12.80
CA GLN C 139 -3.02 -26.76 12.60
C GLN C 139 -2.73 -25.31 12.97
N THR C 140 -3.59 -24.41 12.53
CA THR C 140 -3.44 -22.99 12.84
C THR C 140 -3.58 -22.76 14.34
N GLU C 141 -4.61 -23.37 14.92
CA GLU C 141 -4.83 -23.26 16.36
C GLU C 141 -3.68 -23.89 17.13
N ALA C 142 -3.16 -25.00 16.63
CA ALA C 142 -2.04 -25.70 17.26
C ALA C 142 -0.78 -24.86 17.24
N ARG C 143 -0.55 -24.16 16.13
CA ARG C 143 0.61 -23.28 16.00
C ARG C 143 0.37 -21.94 16.71
N LYS C 144 -0.85 -21.75 17.18
CA LYS C 144 -1.20 -20.55 17.93
C LYS C 144 -0.79 -20.71 19.38
N GLN C 145 -0.61 -21.95 19.82
CA GLN C 145 -0.40 -22.24 21.24
C GLN C 145 0.79 -23.18 21.52
N MET C 146 1.72 -23.27 20.58
CA MET C 146 2.88 -24.16 20.77
C MET C 146 3.75 -23.70 21.93
N SER C 147 4.69 -24.56 22.33
CA SER C 147 5.60 -24.26 23.43
C SER C 147 6.45 -23.04 23.09
N LYS C 148 6.23 -21.94 23.82
CA LYS C 148 6.96 -20.70 23.62
C LYS C 148 8.44 -20.96 23.34
N GLU C 149 8.98 -21.98 24.00
CA GLU C 149 10.37 -22.36 23.80
C GLU C 149 10.67 -22.64 22.32
N GLU C 150 9.77 -23.35 21.67
CA GLU C 150 9.94 -23.70 20.26
C GLU C 150 9.68 -22.50 19.36
N LYS C 151 8.75 -21.64 19.78
CA LYS C 151 8.41 -20.45 19.01
C LYS C 151 9.66 -19.64 18.68
N LEU C 152 10.55 -19.52 19.66
CA LEU C 152 11.82 -18.83 19.46
C LEU C 152 12.59 -19.44 18.30
N LYS C 153 12.51 -20.75 18.14
CA LYS C 153 13.25 -21.43 17.09
C LYS C 153 12.67 -21.18 15.69
N ILE C 154 11.36 -20.98 15.60
CA ILE C 154 10.74 -20.63 14.33
C ILE C 154 11.04 -19.18 13.98
N LYS C 155 11.25 -18.36 15.00
CA LYS C 155 11.72 -17.01 14.81
C LYS C 155 13.22 -17.05 14.50
N GLU C 156 13.89 -18.08 14.99
CA GLU C 156 15.31 -18.29 14.72
C GLU C 156 15.50 -18.80 13.29
N GLU C 157 14.84 -19.91 12.95
CA GLU C 157 14.87 -20.43 11.60
C GLU C 157 14.55 -19.31 10.62
N ASN C 158 13.51 -18.53 10.95
CA ASN C 158 13.15 -17.35 10.17
C ASN C 158 14.34 -16.40 10.05
N GLU C 159 14.94 -16.07 11.19
CA GLU C 159 16.04 -15.13 11.23
C GLU C 159 17.20 -15.59 10.37
N LYS C 160 17.51 -16.88 10.45
CA LYS C 160 18.62 -17.43 9.66
C LYS C 160 18.32 -17.33 8.18
N LEU C 161 17.06 -17.55 7.81
CA LEU C 161 16.63 -17.37 6.43
C LEU C 161 16.85 -15.93 6.02
N LEU C 162 16.62 -15.01 6.96
CA LEU C 162 16.83 -13.59 6.75
C LEU C 162 18.31 -13.32 6.51
N LYS C 163 19.13 -13.88 7.39
CA LYS C 163 20.58 -13.63 7.35
C LYS C 163 21.23 -14.18 6.09
N GLU C 164 20.70 -15.31 5.60
CA GLU C 164 21.33 -15.99 4.47
C GLU C 164 20.84 -15.51 3.12
N TYR C 165 19.52 -15.42 2.95
CA TYR C 165 18.95 -15.06 1.65
C TYR C 165 18.29 -13.70 1.62
N GLY C 166 18.17 -13.08 2.80
CA GLY C 166 17.51 -11.79 2.91
C GLY C 166 18.37 -10.61 2.55
N PHE C 167 19.68 -10.84 2.38
CA PHE C 167 20.60 -9.77 2.04
C PHE C 167 21.33 -10.04 0.73
N CYS C 168 21.87 -8.98 0.13
CA CYS C 168 22.61 -9.09 -1.11
C CYS C 168 23.72 -8.06 -1.12
N ILE C 169 24.61 -8.16 -2.11
CA ILE C 169 25.72 -7.22 -2.23
C ILE C 169 25.62 -6.41 -3.51
N MET C 170 25.15 -5.18 -3.37
CA MET C 170 25.09 -4.24 -4.48
C MET C 170 26.26 -3.29 -4.35
N ASP C 171 26.97 -3.08 -5.45
CA ASP C 171 28.13 -2.19 -5.47
C ASP C 171 29.04 -2.44 -4.29
N ASN C 172 29.07 -1.48 -3.36
CA ASN C 172 30.02 -1.55 -2.26
C ASN C 172 29.41 -1.86 -0.88
N HIS C 173 28.16 -2.31 -0.85
CA HIS C 173 27.49 -2.54 0.43
C HIS C 173 26.57 -3.75 0.48
N LYS C 174 26.09 -4.06 1.69
CA LYS C 174 25.19 -5.17 1.94
C LYS C 174 23.77 -4.67 2.12
N GLU C 175 23.06 -4.48 1.00
CA GLU C 175 21.68 -4.01 1.03
C GLU C 175 20.71 -5.17 1.19
N ARG C 176 19.60 -4.93 1.89
CA ARG C 176 18.62 -5.97 2.16
C ARG C 176 17.67 -6.22 0.98
N ILE C 177 17.28 -7.48 0.81
CA ILE C 177 16.33 -7.85 -0.23
C ILE C 177 14.92 -7.81 0.34
N ALA C 178 13.98 -7.30 -0.45
CA ALA C 178 12.59 -7.18 -0.01
C ALA C 178 11.89 -8.54 0.07
N ASN C 179 11.34 -8.98 -1.05
CA ASN C 179 10.62 -10.24 -1.12
C ASN C 179 11.52 -11.38 -1.56
N PHE C 180 12.40 -11.83 -0.66
CA PHE C 180 13.36 -12.88 -1.00
C PHE C 180 12.73 -14.26 -1.07
N LYS C 181 11.54 -14.40 -0.48
CA LYS C 181 10.81 -15.66 -0.55
C LYS C 181 9.96 -15.71 -1.82
N ILE C 182 10.14 -16.77 -2.59
CA ILE C 182 9.38 -16.98 -3.83
C ILE C 182 7.88 -17.09 -3.55
N GLU C 183 7.06 -16.77 -4.55
CA GLU C 183 5.61 -16.85 -4.44
C GLU C 183 5.17 -18.31 -4.43
N PRO C 184 4.58 -18.74 -3.32
CA PRO C 184 4.10 -20.12 -3.19
C PRO C 184 2.90 -20.36 -4.10
N PRO C 185 2.65 -21.61 -4.47
CA PRO C 185 1.51 -21.96 -5.30
C PRO C 185 0.22 -21.81 -4.51
N GLY C 186 -0.83 -21.31 -5.15
CA GLY C 186 -2.11 -21.15 -4.46
C GLY C 186 -3.26 -20.94 -5.43
N LEU C 187 -4.16 -20.03 -5.06
CA LEU C 187 -5.28 -19.69 -5.94
C LEU C 187 -5.39 -18.18 -6.07
N PHE C 188 -5.21 -17.68 -7.29
CA PHE C 188 -5.19 -16.26 -7.58
C PHE C 188 -6.39 -15.54 -7.01
N ARG C 189 -6.15 -14.62 -6.08
CA ARG C 189 -7.22 -13.85 -5.45
C ARG C 189 -7.43 -12.52 -6.15
N GLY C 190 -8.31 -12.52 -7.16
CA GLY C 190 -8.58 -11.33 -7.94
C GLY C 190 -9.43 -10.32 -7.20
N ARG C 191 -8.87 -9.14 -6.98
CA ARG C 191 -9.58 -8.07 -6.30
C ARG C 191 -10.71 -7.54 -7.17
N GLY C 192 -11.91 -7.47 -6.61
CA GLY C 192 -13.06 -6.99 -7.34
C GLY C 192 -13.64 -8.03 -8.27
N ASN C 193 -14.26 -7.57 -9.35
CA ASN C 193 -14.92 -8.47 -10.31
C ASN C 193 -13.95 -9.08 -11.32
N HIS C 194 -12.97 -9.82 -10.83
CA HIS C 194 -11.93 -10.38 -11.69
C HIS C 194 -12.34 -11.72 -12.27
N PRO C 195 -12.42 -11.79 -13.59
CA PRO C 195 -12.80 -13.03 -14.28
C PRO C 195 -11.71 -14.11 -14.24
N LYS C 196 -10.70 -13.91 -13.40
CA LYS C 196 -9.60 -14.87 -13.29
C LYS C 196 -9.46 -15.46 -11.89
N MET C 197 -10.18 -14.88 -10.93
CA MET C 197 -10.09 -15.32 -9.55
C MET C 197 -10.36 -16.83 -9.46
N GLY C 198 -9.61 -17.49 -8.59
CA GLY C 198 -9.76 -18.93 -8.41
C GLY C 198 -8.80 -19.75 -9.26
N MET C 199 -8.30 -19.17 -10.34
CA MET C 199 -7.36 -19.89 -11.18
C MET C 199 -6.15 -20.36 -10.38
N LEU C 200 -5.59 -21.50 -10.77
CA LEU C 200 -4.48 -22.09 -10.04
C LEU C 200 -3.18 -21.36 -10.31
N LYS C 201 -2.50 -21.00 -9.22
CA LYS C 201 -1.17 -20.39 -9.28
C LYS C 201 -0.14 -21.52 -9.17
N ARG C 202 0.62 -21.75 -10.24
CA ARG C 202 1.53 -22.88 -10.30
C ARG C 202 2.70 -22.72 -9.34
N ARG C 203 3.25 -23.85 -8.90
CA ARG C 203 4.46 -23.87 -8.09
C ARG C 203 5.66 -23.56 -8.98
N ILE C 204 6.35 -22.47 -8.66
CA ILE C 204 7.44 -21.99 -9.50
C ILE C 204 8.77 -22.68 -9.19
N MET C 205 9.28 -23.41 -10.17
CA MET C 205 10.55 -24.13 -10.03
C MET C 205 11.71 -23.24 -10.46
N PRO C 206 12.94 -23.69 -10.21
CA PRO C 206 14.13 -22.95 -10.63
C PRO C 206 14.24 -22.85 -12.14
N GLU C 207 13.69 -23.85 -12.84
CA GLU C 207 13.74 -23.86 -14.29
C GLU C 207 12.96 -22.69 -14.87
N ASP C 208 12.23 -21.99 -14.00
CA ASP C 208 11.44 -20.82 -14.40
C ASP C 208 12.12 -19.55 -13.93
N ILE C 209 12.94 -19.68 -12.89
CA ILE C 209 13.58 -18.53 -12.27
C ILE C 209 14.74 -17.98 -13.09
N ILE C 210 14.62 -16.72 -13.50
CA ILE C 210 15.71 -16.02 -14.18
C ILE C 210 16.56 -15.29 -13.15
N ILE C 211 17.89 -15.33 -13.33
CA ILE C 211 18.79 -14.71 -12.36
C ILE C 211 19.55 -13.51 -12.93
N ASN C 212 19.63 -12.44 -12.14
CA ASN C 212 20.41 -11.27 -12.49
C ASN C 212 21.54 -11.03 -11.49
N CYS C 213 22.76 -10.89 -12.02
CA CYS C 213 23.94 -10.57 -11.23
C CYS C 213 25.05 -10.08 -12.15
N SER C 214 26.11 -9.51 -11.58
CA SER C 214 27.20 -8.92 -12.39
C SER C 214 28.15 -9.98 -12.96
N ASP C 216 31.04 -10.92 -12.92
CA ASP C 216 32.11 -10.95 -11.92
C ASP C 216 31.59 -11.41 -10.55
N ALA C 217 30.40 -12.00 -10.54
CA ALA C 217 29.75 -12.38 -9.28
C ALA C 217 29.66 -13.90 -9.12
N LYS C 218 29.61 -14.36 -7.88
CA LYS C 218 29.45 -15.77 -7.61
C LYS C 218 28.02 -16.18 -7.88
N VAL C 219 27.79 -16.78 -9.04
CA VAL C 219 26.47 -17.29 -9.42
C VAL C 219 25.95 -18.26 -8.35
N PRO C 220 24.77 -17.99 -7.83
CA PRO C 220 24.17 -18.85 -6.79
C PRO C 220 23.80 -20.21 -7.38
N SER C 221 24.23 -21.28 -6.74
CA SER C 221 23.95 -22.62 -7.24
C SER C 221 22.48 -22.97 -7.05
N PRO C 222 21.87 -23.49 -8.10
CA PRO C 222 20.46 -23.91 -8.04
C PRO C 222 20.30 -25.11 -7.13
N PRO C 223 19.14 -25.24 -6.48
CA PRO C 223 18.90 -26.36 -5.56
C PRO C 223 19.36 -27.69 -6.18
N PRO C 224 19.98 -28.53 -5.37
CA PRO C 224 20.59 -29.77 -5.85
C PRO C 224 19.78 -30.43 -6.95
N GLY C 225 20.36 -30.49 -8.15
CA GLY C 225 19.74 -31.21 -9.27
C GLY C 225 18.90 -30.36 -10.21
N HIS C 226 18.99 -29.04 -10.07
CA HIS C 226 18.20 -28.14 -10.90
C HIS C 226 19.08 -27.20 -11.73
N LYS C 227 18.44 -26.46 -12.63
CA LYS C 227 19.13 -25.46 -13.44
C LYS C 227 18.24 -24.22 -13.61
N TRP C 228 18.84 -23.03 -13.53
CA TRP C 228 18.09 -21.79 -13.72
C TRP C 228 17.54 -21.70 -15.15
N LYS C 229 16.50 -20.90 -15.33
CA LYS C 229 15.95 -20.68 -16.66
C LYS C 229 16.98 -19.97 -17.52
N GLU C 230 17.56 -18.91 -16.97
CA GLU C 230 18.58 -18.13 -17.66
C GLU C 230 19.32 -17.25 -16.66
N VAL C 231 20.64 -17.32 -16.69
CA VAL C 231 21.47 -16.47 -15.84
C VAL C 231 22.02 -15.34 -16.69
N ARG C 232 21.48 -14.14 -16.50
CA ARG C 232 21.87 -12.99 -17.31
C ARG C 232 22.44 -11.87 -16.45
N HIS C 233 23.21 -10.98 -17.09
CA HIS C 233 23.84 -9.87 -16.40
C HIS C 233 23.40 -8.53 -16.99
N ASP C 234 22.21 -8.07 -16.59
CA ASP C 234 21.66 -6.82 -17.10
C ASP C 234 21.63 -5.76 -16.02
N ASN C 235 22.52 -4.79 -16.17
CA ASN C 235 22.64 -3.71 -15.19
C ASN C 235 21.80 -2.49 -15.55
N LYS C 236 20.91 -2.66 -16.53
CA LYS C 236 20.01 -1.60 -16.92
C LYS C 236 18.67 -1.73 -16.19
N VAL C 237 18.54 -2.81 -15.41
CA VAL C 237 17.36 -3.05 -14.59
C VAL C 237 17.80 -3.30 -13.15
N THR C 238 16.85 -3.32 -12.22
CA THR C 238 17.19 -3.41 -10.80
C THR C 238 16.88 -4.77 -10.17
N TRP C 239 16.01 -5.55 -10.80
CA TRP C 239 15.56 -6.80 -10.21
C TRP C 239 16.66 -7.86 -10.12
N LEU C 240 16.52 -8.76 -9.15
CA LEU C 240 17.48 -9.84 -8.95
C LEU C 240 16.99 -11.15 -9.55
N VAL C 241 15.67 -11.37 -9.46
CA VAL C 241 15.07 -12.59 -9.98
C VAL C 241 13.75 -12.28 -10.66
N SER C 242 13.52 -12.92 -11.81
CA SER C 242 12.29 -12.70 -12.55
C SER C 242 11.76 -13.99 -13.15
N TRP C 243 10.44 -14.12 -13.14
CA TRP C 243 9.76 -15.25 -13.78
C TRP C 243 8.39 -14.79 -14.26
N THR C 244 7.84 -15.46 -15.27
CA THR C 244 6.51 -15.11 -15.76
C THR C 244 5.44 -15.93 -15.05
N GLU C 245 4.42 -15.24 -14.56
CA GLU C 245 3.32 -15.89 -13.84
C GLU C 245 2.24 -16.40 -14.80
N ASN C 246 1.78 -17.62 -14.54
CA ASN C 246 0.82 -18.30 -15.42
C ASN C 246 -0.52 -17.58 -15.59
N ILE C 247 -0.94 -16.86 -14.58
CA ILE C 247 -2.27 -16.26 -14.58
C ILE C 247 -2.42 -15.12 -15.58
N GLN C 248 -1.45 -14.21 -15.62
CA GLN C 248 -1.53 -13.06 -16.52
C GLN C 248 -0.34 -12.95 -17.46
N GLY C 249 0.64 -13.82 -17.28
CA GLY C 249 1.86 -13.78 -18.08
C GLY C 249 2.84 -12.74 -17.57
N SER C 250 2.32 -11.71 -16.89
CA SER C 250 3.16 -10.63 -16.35
C SER C 250 4.34 -11.16 -15.54
N ILE C 251 5.44 -10.43 -15.57
CA ILE C 251 6.66 -10.88 -14.91
C ILE C 251 6.76 -10.39 -13.46
N LYS C 252 7.09 -11.32 -12.57
CA LYS C 252 7.21 -11.01 -11.15
C LYS C 252 8.68 -10.83 -10.78
N TYR C 253 8.96 -9.81 -9.98
CA TYR C 253 10.33 -9.44 -9.67
C TYR C 253 10.67 -9.59 -8.19
N ILE C 254 11.95 -9.76 -7.91
CA ILE C 254 12.45 -9.71 -6.54
C ILE C 254 13.37 -8.50 -6.43
N MET C 255 12.95 -7.53 -5.62
CA MET C 255 13.68 -6.26 -5.50
C MET C 255 14.14 -6.01 -4.07
N LEU C 256 14.80 -4.88 -3.86
CA LEU C 256 15.43 -4.58 -2.58
C LEU C 256 14.49 -3.91 -1.58
N ASN C 257 14.89 -3.92 -0.32
CA ASN C 257 14.18 -3.22 0.75
C ASN C 257 13.95 -1.77 0.37
N PRO C 258 12.85 -1.19 0.86
CA PRO C 258 12.58 0.24 0.65
C PRO C 258 13.69 1.12 1.21
N SER C 259 14.49 0.56 2.10
CA SER C 259 15.58 1.30 2.73
C SER C 259 16.79 1.48 1.81
N SER C 260 16.91 0.59 0.82
CA SER C 260 18.07 0.57 -0.07
C SER C 260 18.19 1.84 -0.88
N ARG C 261 19.37 2.07 -1.46
CA ARG C 261 19.63 3.27 -2.24
C ARG C 261 18.98 3.20 -3.62
N ILE C 262 19.05 2.03 -4.25
CA ILE C 262 18.43 1.84 -5.55
C ILE C 262 16.91 2.12 -5.48
N LYS C 263 16.40 2.22 -4.26
CA LYS C 263 15.00 2.57 -4.03
C LYS C 263 14.86 3.97 -3.47
N GLY C 264 15.72 4.32 -2.52
CA GLY C 264 15.72 5.64 -1.92
C GLY C 264 16.06 6.72 -2.94
N GLU C 265 17.08 6.45 -3.75
CA GLU C 265 17.52 7.38 -4.78
C GLU C 265 16.35 7.83 -5.64
N LYS C 266 15.44 6.90 -5.94
CA LYS C 266 14.30 7.22 -6.78
C LYS C 266 13.16 7.85 -5.99
N ASP C 267 13.09 7.52 -4.69
CA ASP C 267 12.06 8.09 -3.82
C ASP C 267 12.39 9.55 -3.51
N TRP C 268 13.66 9.83 -3.27
CA TRP C 268 14.12 11.19 -3.02
C TRP C 268 13.95 12.02 -4.29
N GLN C 269 14.07 11.36 -5.44
CA GLN C 269 13.93 12.02 -6.73
C GLN C 269 12.47 12.25 -7.08
N LYS C 270 11.61 11.34 -6.64
CA LYS C 270 10.18 11.41 -6.92
C LYS C 270 9.59 12.73 -6.41
N TYR C 271 9.77 12.98 -5.12
CA TYR C 271 9.23 14.18 -4.48
C TYR C 271 9.88 15.45 -5.01
N GLU C 272 11.15 15.33 -5.41
CA GLU C 272 11.86 16.46 -5.98
C GLU C 272 11.24 16.85 -7.32
N THR C 273 10.76 15.85 -8.05
CA THR C 273 10.07 16.10 -9.31
C THR C 273 8.73 16.77 -9.06
N ALA C 274 8.08 16.40 -7.97
CA ALA C 274 6.81 17.00 -7.59
C ALA C 274 7.03 18.41 -7.05
N ARG C 275 8.26 18.69 -6.63
CA ARG C 275 8.63 20.02 -6.17
C ARG C 275 9.02 20.89 -7.35
N ARG C 276 9.57 20.26 -8.38
CA ARG C 276 9.90 20.94 -9.62
C ARG C 276 8.61 21.45 -10.22
N LEU C 277 7.57 20.62 -10.17
CA LEU C 277 6.26 20.97 -10.69
C LEU C 277 5.68 22.16 -9.94
N LYS C 278 5.85 22.15 -8.62
CA LYS C 278 5.32 23.21 -7.78
C LYS C 278 5.62 24.59 -8.36
N LYS C 279 6.76 24.72 -9.01
CA LYS C 279 7.14 25.99 -9.61
C LYS C 279 6.28 26.32 -10.83
N CYS C 280 6.42 25.53 -11.89
CA CYS C 280 5.75 25.81 -13.16
C CYS C 280 4.31 25.30 -13.21
N VAL C 281 3.75 24.99 -12.05
CA VAL C 281 2.36 24.52 -11.98
C VAL C 281 1.42 25.60 -12.50
N ASP C 282 1.69 26.84 -12.13
CA ASP C 282 0.88 27.97 -12.56
C ASP C 282 0.94 28.09 -14.08
N LYS C 283 2.13 27.88 -14.64
CA LYS C 283 2.31 27.92 -16.08
C LYS C 283 1.50 26.81 -16.74
N ILE C 284 1.63 25.60 -16.21
CA ILE C 284 0.93 24.44 -16.76
C ILE C 284 -0.58 24.56 -16.60
N ARG C 285 -1.01 25.12 -15.47
CA ARG C 285 -2.43 25.35 -15.23
C ARG C 285 -2.98 26.33 -16.25
N ASN C 286 -2.36 27.52 -16.32
CA ASN C 286 -2.75 28.53 -17.29
C ASN C 286 -2.46 28.09 -18.72
N GLN C 287 -1.84 26.92 -18.86
CA GLN C 287 -1.53 26.37 -20.17
C GLN C 287 -2.66 25.49 -20.67
N TYR C 288 -2.99 24.46 -19.90
CA TYR C 288 -4.07 23.54 -20.30
C TYR C 288 -5.42 24.24 -20.27
N ARG C 289 -5.45 25.46 -19.75
CA ARG C 289 -6.68 26.24 -19.70
C ARG C 289 -6.95 26.89 -21.04
N GLU C 290 -5.89 27.05 -21.84
CA GLU C 290 -6.02 27.55 -23.20
C GLU C 290 -6.17 26.39 -24.17
N ASP C 291 -5.57 25.24 -23.81
CA ASP C 291 -5.65 24.04 -24.63
C ASP C 291 -7.10 23.55 -24.78
N TRP C 292 -8.00 24.19 -24.04
CA TRP C 292 -9.43 23.91 -24.15
C TRP C 292 -10.02 24.59 -25.38
N LYS C 293 -9.24 25.49 -25.99
CA LYS C 293 -9.69 26.25 -27.16
C LYS C 293 -8.98 25.82 -28.44
N SER C 294 -8.31 24.68 -28.40
CA SER C 294 -7.51 24.20 -29.53
C SER C 294 -8.36 23.86 -30.75
N LYS C 295 -7.73 23.93 -31.92
CA LYS C 295 -8.38 23.53 -33.17
C LYS C 295 -8.08 22.06 -33.46
N GLU C 296 -7.94 21.27 -32.41
CA GLU C 296 -7.66 19.85 -32.53
C GLU C 296 -8.34 19.09 -31.39
N MET C 297 -8.85 17.90 -31.69
CA MET C 297 -9.51 17.08 -30.70
C MET C 297 -8.57 16.64 -29.58
N LYS C 298 -7.61 15.78 -29.92
CA LYS C 298 -6.69 15.23 -28.93
C LYS C 298 -6.21 16.28 -27.94
N VAL C 299 -5.83 17.45 -28.44
CA VAL C 299 -5.39 18.54 -27.58
C VAL C 299 -6.54 19.05 -26.73
N ARG C 300 -7.67 19.35 -27.37
CA ARG C 300 -8.86 19.79 -26.66
C ARG C 300 -9.29 18.74 -25.65
N GLN C 301 -9.01 17.48 -25.96
CA GLN C 301 -9.38 16.36 -25.11
C GLN C 301 -8.43 16.24 -23.92
N ARG C 302 -7.15 16.03 -24.22
CA ARG C 302 -6.12 15.87 -23.18
C ARG C 302 -6.19 16.99 -22.16
N ALA C 303 -6.47 18.21 -22.63
CA ALA C 303 -6.55 19.37 -21.75
C ALA C 303 -7.59 19.16 -20.67
N VAL C 304 -8.73 18.59 -21.05
CA VAL C 304 -9.81 18.31 -20.11
C VAL C 304 -9.42 17.17 -19.19
N ALA C 305 -8.81 16.13 -19.75
CA ALA C 305 -8.32 15.01 -18.97
C ALA C 305 -7.37 15.50 -17.88
N LEU C 306 -6.36 16.27 -18.30
CA LEU C 306 -5.39 16.83 -17.37
C LEU C 306 -6.06 17.68 -16.30
N TYR C 307 -7.06 18.45 -16.71
CA TYR C 307 -7.79 19.30 -15.76
C TYR C 307 -8.31 18.48 -14.60
N PHE C 308 -8.71 17.24 -14.87
CA PHE C 308 -9.21 16.33 -13.85
C PHE C 308 -8.08 15.75 -13.00
N ILE C 309 -7.05 15.23 -13.68
CA ILE C 309 -5.90 14.65 -13.01
C ILE C 309 -5.35 15.65 -11.99
N ASP C 310 -5.39 16.93 -12.34
CA ASP C 310 -4.88 17.98 -11.48
C ASP C 310 -5.85 18.34 -10.36
N LYS C 311 -7.10 18.62 -10.73
CA LYS C 311 -8.08 19.14 -9.77
C LYS C 311 -8.64 18.09 -8.83
N LEU C 312 -8.69 16.83 -9.28
CA LEU C 312 -9.31 15.77 -8.48
C LEU C 312 -8.39 14.59 -8.22
N ALA C 313 -7.09 14.80 -8.42
CA ALA C 313 -6.09 13.75 -8.22
C ALA C 313 -6.55 12.45 -8.86
N LEU C 314 -7.17 12.55 -10.02
CA LEU C 314 -7.56 11.38 -10.79
C LEU C 314 -6.30 10.68 -11.30
N ARG C 315 -6.29 9.36 -11.21
CA ARG C 315 -5.15 8.58 -11.72
C ARG C 315 -5.15 8.58 -13.24
N ALA C 316 -3.97 8.39 -13.83
CA ALA C 316 -3.81 8.39 -15.28
C ALA C 316 -4.90 7.59 -15.98
N GLY C 317 -4.93 6.28 -15.72
CA GLY C 317 -5.93 5.41 -16.32
C GLY C 317 -5.47 4.72 -17.58
N ASN C 318 -4.63 3.70 -17.41
CA ASN C 318 -4.15 2.92 -18.53
C ASN C 318 -5.25 2.06 -19.13
N GLU C 319 -5.06 1.65 -20.37
CA GLU C 319 -6.01 0.76 -21.04
C GLU C 319 -5.81 -0.68 -20.55
N LYS C 320 -6.86 -1.23 -19.95
CA LYS C 320 -6.84 -2.60 -19.46
C LYS C 320 -7.24 -3.56 -20.58
N GLU C 321 -6.96 -4.84 -20.39
CA GLU C 321 -7.47 -5.87 -21.30
C GLU C 321 -8.93 -6.16 -20.92
N GLU C 322 -9.80 -6.24 -21.92
CA GLU C 322 -11.21 -6.53 -21.67
C GLU C 322 -11.46 -8.03 -21.65
N GLY C 323 -12.04 -8.51 -20.57
CA GLY C 323 -12.33 -9.93 -20.42
C GLY C 323 -11.15 -10.72 -19.86
N GLU C 324 -10.02 -10.04 -19.69
CA GLU C 324 -8.84 -10.67 -19.11
C GLU C 324 -8.51 -10.09 -17.75
N THR C 325 -9.10 -8.92 -17.45
CA THR C 325 -8.93 -8.29 -16.16
C THR C 325 -10.28 -7.84 -15.61
N ALA C 326 -10.29 -7.38 -14.37
CA ALA C 326 -11.49 -6.77 -13.82
C ALA C 326 -11.64 -5.39 -14.44
N ASP C 327 -12.83 -5.09 -14.93
CA ASP C 327 -13.04 -3.83 -15.65
C ASP C 327 -13.13 -2.62 -14.74
N THR C 328 -12.05 -1.84 -14.72
CA THR C 328 -12.04 -0.55 -14.04
C THR C 328 -11.48 0.51 -14.99
N VAL C 329 -11.59 1.77 -14.59
CA VAL C 329 -11.10 2.87 -15.42
C VAL C 329 -10.42 3.96 -14.62
N GLY C 330 -9.50 4.66 -15.26
CA GLY C 330 -8.86 5.82 -14.68
C GLY C 330 -9.39 7.08 -15.33
N CYS C 331 -8.52 8.07 -15.55
CA CYS C 331 -8.96 9.32 -16.17
C CYS C 331 -9.00 9.24 -17.69
N CYS C 332 -7.94 8.71 -18.28
CA CYS C 332 -7.86 8.55 -19.72
C CYS C 332 -8.86 7.49 -20.23
N SER C 333 -9.10 6.49 -19.39
CA SER C 333 -9.89 5.34 -19.80
C SER C 333 -11.36 5.48 -19.45
N LEU C 334 -11.79 6.72 -19.19
CA LEU C 334 -13.19 6.98 -18.92
C LEU C 334 -14.05 6.71 -20.15
N ARG C 335 -15.21 6.11 -19.95
CA ARG C 335 -16.19 5.96 -21.02
C ARG C 335 -17.34 6.92 -20.76
N VAL C 336 -18.12 7.22 -21.80
CA VAL C 336 -19.19 8.21 -21.70
C VAL C 336 -20.28 7.82 -20.69
N GLU C 337 -20.29 6.54 -20.32
CA GLU C 337 -21.26 6.03 -19.37
C GLU C 337 -20.82 6.21 -17.92
N HIS C 338 -19.60 6.71 -17.73
CA HIS C 338 -19.10 6.97 -16.39
C HIS C 338 -19.32 8.43 -15.99
N ILE C 339 -19.82 9.23 -16.93
CA ILE C 339 -20.11 10.64 -16.65
C ILE C 339 -21.49 11.07 -17.12
N ASN C 340 -22.00 12.13 -16.50
CA ASN C 340 -23.22 12.79 -16.93
C ASN C 340 -23.15 14.29 -16.63
N LEU C 341 -23.62 15.10 -17.57
CA LEU C 341 -23.50 16.55 -17.46
C LEU C 341 -24.83 17.20 -17.10
N HIS C 342 -24.84 17.96 -16.01
CA HIS C 342 -26.07 18.59 -15.51
C HIS C 342 -25.91 20.10 -15.37
N PRO C 343 -26.19 20.85 -16.43
CA PRO C 343 -26.05 22.30 -16.43
C PRO C 343 -26.35 22.90 -15.06
N GLU C 344 -27.59 22.74 -14.59
CA GLU C 344 -27.92 23.14 -13.23
C GLU C 344 -28.15 21.90 -12.38
N LEU C 345 -27.41 21.81 -11.28
CA LEU C 345 -27.61 20.73 -10.32
C LEU C 345 -27.20 21.23 -8.93
N ASP C 346 -27.88 20.71 -7.90
CA ASP C 346 -27.66 21.16 -6.53
C ASP C 346 -27.54 22.68 -6.47
N GLY C 347 -28.05 23.35 -7.50
CA GLY C 347 -28.06 24.80 -7.57
C GLY C 347 -26.79 25.42 -8.13
N GLN C 348 -25.86 24.58 -8.60
CA GLN C 348 -24.55 25.03 -9.09
C GLN C 348 -23.67 23.84 -9.50
N GLU C 349 -23.13 23.79 -10.73
CA GLU C 349 -23.15 24.83 -11.77
C GLU C 349 -21.74 24.99 -12.44
N TYR C 350 -21.51 24.57 -13.72
CA TYR C 350 -22.14 23.38 -14.35
C TYR C 350 -21.57 22.08 -13.76
N VAL C 351 -22.42 21.08 -13.52
CA VAL C 351 -21.97 19.88 -12.81
C VAL C 351 -21.63 18.68 -13.69
N VAL C 352 -20.54 17.99 -13.33
CA VAL C 352 -20.12 16.77 -13.99
C VAL C 352 -20.21 15.59 -13.02
N GLU C 353 -21.12 14.66 -13.31
CA GLU C 353 -21.35 13.51 -12.42
C GLU C 353 -20.47 12.33 -12.80
N PHE C 354 -19.47 12.05 -11.96
CA PHE C 354 -18.60 10.91 -12.16
C PHE C 354 -19.17 9.70 -11.46
N ASP C 355 -19.16 8.56 -12.13
CA ASP C 355 -19.52 7.30 -11.49
C ASP C 355 -18.83 6.13 -12.20
N PHE C 356 -17.89 5.51 -11.51
CA PHE C 356 -17.11 4.41 -12.06
C PHE C 356 -16.29 3.72 -11.00
N LEU C 357 -15.83 2.51 -11.31
CA LEU C 357 -14.97 1.76 -10.40
C LEU C 357 -13.50 2.09 -10.67
N GLY C 358 -12.80 2.65 -9.66
CA GLY C 358 -11.39 2.99 -9.79
C GLY C 358 -10.46 1.84 -9.43
N ARG C 359 -9.21 2.13 -9.05
CA ARG C 359 -8.22 1.08 -8.79
C ARG C 359 -8.84 -0.15 -8.12
N ASP C 360 -8.08 -0.88 -7.26
CA ASP C 360 -8.71 -2.00 -6.52
C ASP C 360 -10.23 -1.81 -6.41
N SER C 361 -10.94 -2.10 -7.51
CA SER C 361 -12.37 -1.78 -7.64
C SER C 361 -12.99 -0.80 -6.63
N ILE C 362 -12.33 0.32 -6.33
CA ILE C 362 -12.94 1.33 -5.46
C ILE C 362 -13.84 2.24 -6.28
N ARG C 363 -15.13 2.22 -6.00
CA ARG C 363 -16.10 3.03 -6.73
C ARG C 363 -15.90 4.53 -6.49
N TYR C 364 -15.58 5.25 -7.55
CA TYR C 364 -15.47 6.70 -7.48
C TYR C 364 -16.77 7.31 -7.97
N TYR C 365 -17.41 8.08 -7.10
CA TYR C 365 -18.64 8.76 -7.44
C TYR C 365 -18.57 10.21 -7.00
N ASN C 366 -18.64 11.12 -7.95
CA ASN C 366 -18.61 12.54 -7.60
C ASN C 366 -19.36 13.45 -8.58
N LYS C 367 -20.03 14.45 -8.01
CA LYS C 367 -20.61 15.54 -8.78
C LYS C 367 -19.69 16.74 -8.56
N VAL C 368 -18.94 17.11 -9.61
CA VAL C 368 -17.95 18.17 -9.47
C VAL C 368 -18.29 19.38 -10.32
N PRO C 369 -18.66 20.47 -9.66
CA PRO C 369 -18.91 21.74 -10.36
C PRO C 369 -17.62 22.17 -11.01
N VAL C 370 -17.65 22.42 -12.32
CA VAL C 370 -16.45 22.80 -13.06
C VAL C 370 -16.63 24.11 -13.83
N GLU C 371 -15.61 24.45 -14.62
CA GLU C 371 -15.66 25.63 -15.47
C GLU C 371 -16.54 25.34 -16.68
N LYS C 372 -17.05 26.41 -17.29
CA LYS C 372 -17.98 26.27 -18.42
C LYS C 372 -17.29 25.67 -19.64
N ARG C 373 -16.04 26.08 -19.86
CA ARG C 373 -15.29 25.65 -21.03
C ARG C 373 -15.15 24.13 -21.09
N VAL C 374 -14.90 23.51 -19.95
CA VAL C 374 -14.75 22.06 -19.87
C VAL C 374 -16.11 21.37 -20.05
N PHE C 375 -17.13 21.89 -19.38
CA PHE C 375 -18.48 21.37 -19.54
C PHE C 375 -18.79 21.32 -21.03
N LYS C 376 -18.69 22.46 -21.69
CA LYS C 376 -18.94 22.54 -23.12
C LYS C 376 -18.01 21.61 -23.91
N ASN C 377 -16.79 21.45 -23.43
CA ASN C 377 -15.82 20.58 -24.09
C ASN C 377 -16.18 19.11 -23.93
N LEU C 378 -16.74 18.76 -22.77
CA LEU C 378 -17.10 17.38 -22.49
C LEU C 378 -18.22 16.91 -23.41
N GLN C 379 -19.22 17.77 -23.60
CA GLN C 379 -20.35 17.45 -24.47
C GLN C 379 -19.91 17.21 -25.90
N LEU C 380 -18.82 17.87 -26.30
CA LEU C 380 -18.28 17.75 -27.64
C LEU C 380 -17.68 16.36 -27.86
N PHE C 381 -17.04 15.82 -26.83
CA PHE C 381 -16.47 14.48 -26.90
C PHE C 381 -17.58 13.44 -26.79
N MET C 382 -18.80 13.91 -26.57
CA MET C 382 -19.93 13.03 -26.27
C MET C 382 -21.08 13.13 -27.27
N GLU C 383 -20.76 13.30 -28.54
CA GLU C 383 -21.79 13.32 -29.57
C GLU C 383 -21.60 12.17 -30.57
N ASN C 384 -22.70 11.47 -30.85
CA ASN C 384 -22.70 10.30 -31.73
C ASN C 384 -21.81 9.18 -31.20
N LYS C 385 -22.10 8.72 -30.00
CA LYS C 385 -21.33 7.66 -29.36
C LYS C 385 -22.17 6.86 -28.36
N GLN C 386 -22.01 5.54 -28.39
CA GLN C 386 -22.70 4.66 -27.45
C GLN C 386 -21.88 4.56 -26.17
N PRO C 387 -22.57 4.54 -25.03
CA PRO C 387 -21.93 4.46 -23.72
C PRO C 387 -20.64 3.66 -23.69
N GLU C 388 -20.54 2.63 -24.52
CA GLU C 388 -19.38 1.73 -24.52
C GLU C 388 -18.12 2.33 -25.16
N ASP C 389 -18.23 3.55 -25.67
CA ASP C 389 -17.11 4.20 -26.35
C ASP C 389 -16.26 5.05 -25.40
N ASP C 390 -14.97 5.14 -25.71
CA ASP C 390 -14.02 5.90 -24.90
C ASP C 390 -14.32 7.40 -24.96
N LEU C 391 -14.51 8.00 -23.78
CA LEU C 391 -14.77 9.42 -23.67
C LEU C 391 -13.62 10.24 -24.21
N PHE C 392 -12.40 9.91 -23.78
CA PHE C 392 -11.21 10.60 -24.29
C PHE C 392 -10.54 9.77 -25.37
N ASP C 393 -11.19 9.66 -26.53
CA ASP C 393 -10.61 8.96 -27.67
C ASP C 393 -9.58 9.86 -28.35
N ARG C 394 -8.74 9.26 -29.18
CA ARG C 394 -7.60 9.97 -29.76
C ARG C 394 -6.69 10.44 -28.64
N LEU C 395 -6.77 9.75 -27.50
CA LEU C 395 -6.02 10.10 -26.31
C LEU C 395 -5.74 8.88 -25.44
N ASN C 396 -4.52 8.82 -24.93
CA ASN C 396 -4.14 7.77 -24.01
C ASN C 396 -3.06 8.26 -23.07
N THR C 397 -2.79 7.50 -22.02
CA THR C 397 -1.73 7.86 -21.08
C THR C 397 -0.42 8.12 -21.82
N GLY C 398 -0.10 7.26 -22.79
CA GLY C 398 1.10 7.42 -23.58
C GLY C 398 1.30 8.81 -24.13
N ILE C 399 0.26 9.34 -24.78
CA ILE C 399 0.30 10.69 -25.34
C ILE C 399 0.30 11.73 -24.23
N LEU C 400 -0.64 11.58 -23.31
CA LEU C 400 -0.79 12.54 -22.21
C LEU C 400 0.51 12.74 -21.45
N ASN C 401 1.21 11.65 -21.17
CA ASN C 401 2.48 11.74 -20.46
C ASN C 401 3.59 12.32 -21.33
N LYS C 402 3.59 11.97 -22.62
CA LYS C 402 4.55 12.52 -23.56
C LYS C 402 4.44 14.05 -23.58
N HIS C 403 3.21 14.53 -23.59
CA HIS C 403 2.94 15.97 -23.55
C HIS C 403 3.44 16.58 -22.24
N LEU C 404 3.49 15.75 -21.20
CA LEU C 404 3.88 16.22 -19.87
C LEU C 404 5.38 16.38 -19.75
N GLN C 405 6.14 15.35 -20.11
CA GLN C 405 7.60 15.43 -20.07
C GLN C 405 8.09 16.40 -21.14
N ASP C 406 7.13 17.03 -21.82
CA ASP C 406 7.41 18.04 -22.82
C ASP C 406 7.56 19.40 -22.15
N LEU C 407 6.65 19.67 -21.22
CA LEU C 407 6.66 20.95 -20.49
C LEU C 407 7.73 20.94 -19.41
N MET C 408 7.69 19.93 -18.55
CA MET C 408 8.66 19.79 -17.47
C MET C 408 9.37 18.46 -17.59
N GLU C 409 10.63 18.41 -17.19
CA GLU C 409 11.45 17.21 -17.30
C GLU C 409 10.96 16.08 -16.38
N GLY C 410 10.81 14.89 -16.96
CA GLY C 410 10.42 13.70 -16.22
C GLY C 410 9.10 13.84 -15.48
N LEU C 411 8.18 14.65 -16.03
CA LEU C 411 6.88 14.87 -15.42
C LEU C 411 5.84 13.93 -15.99
N THR C 412 5.07 13.30 -15.11
CA THR C 412 4.00 12.39 -15.53
C THR C 412 2.70 12.69 -14.79
N ALA C 413 1.65 11.92 -15.07
CA ALA C 413 0.34 12.16 -14.46
C ALA C 413 0.33 11.92 -12.95
N LYS C 414 1.03 10.88 -12.51
CA LYS C 414 1.06 10.51 -11.10
C LYS C 414 1.69 11.60 -10.25
N VAL C 415 2.63 12.32 -10.83
CA VAL C 415 3.32 13.41 -10.14
C VAL C 415 2.32 14.40 -9.54
N PHE C 416 1.28 14.71 -10.30
CA PHE C 416 0.29 15.72 -9.91
C PHE C 416 -0.36 15.42 -8.57
N ARG C 417 -0.55 14.14 -8.26
CA ARG C 417 -1.15 13.74 -6.99
C ARG C 417 -0.17 13.93 -5.83
N THR C 418 1.09 13.62 -6.08
CA THR C 418 2.14 13.80 -5.08
C THR C 418 2.23 15.28 -4.69
N TYR C 419 2.19 16.16 -5.68
CA TYR C 419 2.22 17.59 -5.43
C TYR C 419 0.96 18.03 -4.68
N ASN C 420 -0.20 17.65 -5.21
CA ASN C 420 -1.46 18.10 -4.65
C ASN C 420 -1.61 17.77 -3.18
N ALA C 421 -1.10 16.62 -2.76
CA ALA C 421 -1.26 16.22 -1.36
C ALA C 421 0.02 16.01 -0.56
N SER C 422 1.13 16.62 -1.03
CA SER C 422 2.12 17.05 -0.05
C SER C 422 1.73 18.48 0.38
N ILE C 423 1.67 19.35 -0.65
CA ILE C 423 1.22 20.74 -0.46
C ILE C 423 0.05 20.84 0.52
N THR C 424 -0.96 20.00 0.34
CA THR C 424 -2.14 20.03 1.20
C THR C 424 -1.84 19.65 2.65
N LEU C 425 -1.01 18.62 2.83
CA LEU C 425 -0.60 18.23 4.16
C LEU C 425 0.18 19.37 4.82
N GLN C 426 1.18 19.89 4.12
CA GLN C 426 2.01 20.97 4.64
C GLN C 426 1.18 22.14 5.15
N GLN C 427 0.19 22.53 4.36
CA GLN C 427 -0.71 23.64 4.70
C GLN C 427 -1.62 23.28 5.87
N GLN C 428 -2.03 22.01 5.93
CA GLN C 428 -2.96 21.55 6.96
C GLN C 428 -2.39 21.65 8.37
N LEU C 429 -1.13 21.24 8.53
CA LEU C 429 -0.49 21.28 9.84
C LEU C 429 -0.23 22.72 10.27
N LYS C 430 0.36 23.50 9.38
CA LYS C 430 0.69 24.89 9.69
C LYS C 430 -0.55 25.67 10.10
N GLU C 431 -1.72 25.11 9.83
CA GLU C 431 -2.98 25.74 10.20
C GLU C 431 -3.75 24.89 11.21
N LEU C 432 -3.19 23.75 11.57
CA LEU C 432 -3.80 22.91 12.60
C LEU C 432 -2.96 22.90 13.86
N THR C 433 -1.66 22.62 13.69
CA THR C 433 -0.72 22.50 14.81
C THR C 433 -0.71 23.74 15.71
N ALA C 434 -1.11 23.55 16.96
CA ALA C 434 -1.13 24.62 17.95
C ALA C 434 0.24 24.76 18.61
N PRO C 435 0.93 25.86 18.31
CA PRO C 435 2.32 26.08 18.71
C PRO C 435 2.66 25.76 20.18
N ASP C 436 1.74 26.06 21.09
CA ASP C 436 2.06 26.00 22.52
C ASP C 436 1.67 24.69 23.21
N GLU C 437 0.99 23.81 22.49
CA GLU C 437 0.47 22.59 23.09
C GLU C 437 1.56 21.54 23.36
N ASN C 438 1.19 20.51 24.11
CA ASN C 438 2.13 19.43 24.44
C ASN C 438 2.17 18.34 23.37
N ILE C 439 2.99 17.32 23.60
CA ILE C 439 3.31 16.33 22.56
C ILE C 439 2.14 15.50 22.02
N PRO C 440 1.39 14.81 22.89
CA PRO C 440 0.25 14.01 22.43
C PRO C 440 -0.79 14.85 21.69
N ALA C 441 -1.01 16.08 22.16
CA ALA C 441 -1.95 16.99 21.52
C ALA C 441 -1.40 17.52 20.20
N LYS C 442 -0.07 17.57 20.11
CA LYS C 442 0.58 17.98 18.87
C LYS C 442 0.59 16.82 17.89
N ILE C 443 0.64 15.60 18.44
CA ILE C 443 0.62 14.38 17.64
C ILE C 443 -0.73 14.24 16.93
N LEU C 444 -1.80 14.56 17.66
CA LEU C 444 -3.14 14.49 17.09
C LEU C 444 -3.33 15.53 15.99
N SER C 445 -2.73 16.69 16.17
CA SER C 445 -2.77 17.73 15.14
C SER C 445 -2.17 17.16 13.86
N TYR C 446 -1.14 16.35 13.99
CA TYR C 446 -0.49 15.74 12.84
C TYR C 446 -1.42 14.73 12.17
N ASN C 447 -2.02 13.86 12.98
CA ASN C 447 -2.95 12.86 12.47
C ASN C 447 -4.18 13.52 11.86
N ARG C 448 -4.65 14.59 12.47
CA ARG C 448 -5.82 15.31 11.98
C ARG C 448 -5.56 15.88 10.59
N ALA C 449 -4.37 16.43 10.40
CA ALA C 449 -3.96 16.92 9.10
C ALA C 449 -4.00 15.77 8.10
N ASN C 450 -3.40 14.64 8.47
CA ASN C 450 -3.38 13.47 7.61
C ASN C 450 -4.77 13.03 7.13
N ARG C 451 -5.77 13.17 7.99
CA ARG C 451 -7.14 12.84 7.62
C ARG C 451 -7.65 13.81 6.57
N ALA C 452 -7.36 15.09 6.77
CA ALA C 452 -7.76 16.12 5.83
C ALA C 452 -7.10 15.91 4.47
N VAL C 453 -5.89 15.35 4.47
CA VAL C 453 -5.18 15.06 3.23
C VAL C 453 -5.91 13.95 2.47
N ALA C 454 -6.54 13.06 3.23
CA ALA C 454 -7.28 11.95 2.65
C ALA C 454 -8.69 12.37 2.23
N ILE C 455 -8.87 13.66 1.99
CA ILE C 455 -10.17 14.17 1.57
C ILE C 455 -10.19 14.43 0.06
N LEU C 456 -9.08 14.92 -0.48
CA LEU C 456 -9.01 15.15 -1.92
C LEU C 456 -8.83 13.85 -2.70
N CYS C 457 -7.96 12.98 -2.21
CA CYS C 457 -7.76 11.67 -2.82
C CYS C 457 -8.87 10.71 -2.39
N ASN C 458 -9.81 11.22 -1.59
CA ASN C 458 -10.68 10.37 -0.77
C ASN C 458 -10.01 9.19 -0.03
N HIS C 459 -10.80 8.37 0.70
CA HIS C 459 -10.16 7.62 1.78
C HIS C 459 -9.39 6.29 1.61
N GLN C 460 -8.53 6.05 2.61
CA GLN C 460 -7.41 5.07 2.53
C GLN C 460 -6.99 4.64 3.96
N MET C 471 -14.07 1.64 21.37
CA MET C 471 -14.96 1.70 22.53
C MET C 471 -15.87 0.47 22.59
N MET C 472 -16.73 0.41 23.60
CA MET C 472 -16.83 1.43 24.64
C MET C 472 -15.92 1.11 25.82
N ASN C 473 -15.07 0.09 25.65
CA ASN C 473 -14.12 -0.33 26.67
C ASN C 473 -13.10 0.76 26.98
N LEU C 474 -12.94 1.69 26.05
CA LEU C 474 -12.00 2.79 26.20
C LEU C 474 -12.47 3.78 27.27
N GLN C 475 -13.73 4.23 27.13
CA GLN C 475 -14.30 5.22 28.03
C GLN C 475 -14.38 4.72 29.48
N THR C 476 -14.46 3.41 29.66
CA THR C 476 -14.52 2.82 30.99
C THR C 476 -13.13 2.75 31.63
N LYS C 477 -12.13 3.20 30.90
CA LYS C 477 -10.77 3.31 31.41
C LYS C 477 -10.37 4.79 31.40
N ILE C 478 -11.06 5.56 30.57
CA ILE C 478 -10.86 7.00 30.51
C ILE C 478 -11.55 7.65 31.70
N ASP C 479 -12.85 7.38 31.85
CA ASP C 479 -13.64 7.91 32.95
C ASP C 479 -13.16 7.35 34.28
N ALA C 480 -12.60 6.14 34.25
CA ALA C 480 -12.04 5.51 35.43
C ALA C 480 -10.86 6.31 35.96
N LYS C 481 -9.91 6.60 35.07
CA LYS C 481 -8.73 7.37 35.44
C LYS C 481 -9.05 8.87 35.53
N LYS C 482 -10.21 9.26 35.02
CA LYS C 482 -10.64 10.66 35.08
C LYS C 482 -10.99 11.07 36.50
N GLU C 483 -11.52 10.11 37.26
CA GLU C 483 -11.78 10.31 38.67
C GLU C 483 -10.52 9.98 39.45
N GLN C 484 -9.80 8.97 38.98
CA GLN C 484 -8.51 8.58 39.58
C GLN C 484 -7.56 9.78 39.62
N LEU C 485 -7.84 10.78 38.80
CA LEU C 485 -7.05 12.01 38.77
C LEU C 485 -7.54 13.02 39.80
N ALA C 486 -8.86 13.21 39.85
CA ALA C 486 -9.47 14.13 40.81
C ALA C 486 -9.40 13.60 42.23
N ASP C 487 -9.37 12.27 42.37
CA ASP C 487 -9.23 11.62 43.67
C ASP C 487 -7.77 11.49 44.06
N ALA C 488 -6.89 12.02 43.20
CA ALA C 488 -5.47 12.12 43.49
C ALA C 488 -5.08 13.59 43.56
N ARG C 489 -5.89 14.43 42.92
CA ARG C 489 -5.77 15.88 43.07
C ARG C 489 -6.34 16.24 44.45
N ARG C 490 -7.04 15.28 45.05
CA ARG C 490 -7.61 15.45 46.38
C ARG C 490 -6.55 15.26 47.45
N ASP C 491 -5.58 14.39 47.17
CA ASP C 491 -4.43 14.20 48.06
C ASP C 491 -3.67 15.51 48.20
N LEU C 492 -3.42 16.15 47.06
CA LEU C 492 -2.72 17.44 47.03
C LEU C 492 -3.59 18.54 47.62
N LYS C 493 -4.90 18.34 47.57
CA LYS C 493 -5.84 19.30 48.14
C LYS C 493 -5.68 19.38 49.65
N SER C 494 -5.71 18.22 50.30
CA SER C 494 -5.56 18.15 51.75
C SER C 494 -4.11 18.38 52.17
N ALA C 495 -3.18 18.07 51.27
CA ALA C 495 -1.76 18.30 51.52
C ALA C 495 -1.42 19.78 51.36
N LYS C 496 -2.30 20.51 50.69
CA LYS C 496 -2.12 21.94 50.51
C LYS C 496 -2.28 22.66 51.84
N ALA C 497 -3.33 22.29 52.58
CA ALA C 497 -3.65 22.91 53.87
C ALA C 497 -2.59 22.57 54.91
N ASP C 498 -1.89 21.47 54.70
CA ASP C 498 -0.82 21.06 55.60
C ASP C 498 0.28 22.11 55.66
N ALA C 499 0.78 22.50 54.49
CA ALA C 499 1.89 23.43 54.39
C ALA C 499 1.51 24.88 54.72
N LYS C 500 0.24 25.21 54.55
CA LYS C 500 -0.23 26.57 54.79
C LYS C 500 0.17 27.09 56.18
N VAL C 501 -0.06 26.27 57.21
CA VAL C 501 0.23 26.66 58.58
C VAL C 501 1.47 25.96 59.11
N MET C 502 1.81 24.81 58.53
CA MET C 502 3.06 24.13 58.85
C MET C 502 4.07 24.44 57.76
N LYS C 503 4.66 25.63 57.84
CA LYS C 503 5.56 26.12 56.80
C LYS C 503 7.00 25.68 57.02
N ASP C 504 7.20 24.39 57.31
CA ASP C 504 8.56 23.89 57.54
C ASP C 504 9.33 23.68 56.23
N ALA C 505 9.49 22.42 55.82
CA ALA C 505 10.27 22.11 54.62
C ALA C 505 10.01 20.69 54.11
N LYS C 506 10.15 19.71 55.00
CA LYS C 506 9.86 18.32 54.66
C LYS C 506 8.38 18.18 54.30
N THR C 507 7.59 19.14 54.75
CA THR C 507 6.19 19.23 54.37
C THR C 507 6.08 19.70 52.92
N LYS C 508 6.90 20.68 52.57
CA LYS C 508 6.92 21.20 51.21
C LYS C 508 7.43 20.15 50.24
N LYS C 509 8.20 19.19 50.76
CA LYS C 509 8.67 18.08 49.96
C LYS C 509 7.51 17.14 49.63
N VAL C 510 6.55 17.05 50.56
CA VAL C 510 5.37 16.21 50.37
C VAL C 510 4.36 16.87 49.44
N VAL C 511 4.25 18.20 49.52
CA VAL C 511 3.37 18.96 48.64
C VAL C 511 3.83 18.85 47.19
N GLU C 512 5.14 18.91 46.98
CA GLU C 512 5.72 18.83 45.64
C GLU C 512 5.67 17.41 45.09
N SER C 513 5.63 16.42 45.98
CA SER C 513 5.61 15.02 45.58
C SER C 513 4.21 14.58 45.13
N LYS C 514 3.21 15.39 45.46
CA LYS C 514 1.85 15.15 45.00
C LYS C 514 1.58 15.95 43.74
N LYS C 515 2.33 17.04 43.57
CA LYS C 515 2.23 17.89 42.38
C LYS C 515 2.64 17.12 41.14
N LYS C 516 3.76 16.42 41.23
CA LYS C 516 4.24 15.61 40.11
C LYS C 516 3.39 14.36 39.95
N ALA C 517 2.81 13.89 41.05
CA ALA C 517 1.94 12.73 41.03
C ALA C 517 0.64 13.03 40.29
N VAL C 518 0.16 14.25 40.43
CA VAL C 518 -1.02 14.71 39.69
C VAL C 518 -0.68 14.93 38.23
N GLN C 519 0.55 15.36 37.97
CA GLN C 519 1.02 15.63 36.62
C GLN C 519 1.13 14.35 35.79
N ARG C 520 1.51 13.26 36.46
CA ARG C 520 1.62 11.96 35.80
C ARG C 520 0.22 11.48 35.39
N LEU C 521 -0.77 11.88 36.17
CA LEU C 521 -2.16 11.56 35.87
C LEU C 521 -2.72 12.56 34.87
N GLU C 522 -2.19 13.78 34.90
CA GLU C 522 -2.51 14.79 33.90
C GLU C 522 -1.99 14.32 32.55
N GLU C 523 -0.79 13.73 32.57
CA GLU C 523 -0.19 13.16 31.37
C GLU C 523 -1.02 11.96 30.91
N GLN C 524 -0.94 10.87 31.67
CA GLN C 524 -1.68 9.65 31.36
C GLN C 524 -3.02 9.95 30.72
N LEU C 525 -3.80 10.84 31.33
CA LEU C 525 -5.13 11.17 30.86
C LEU C 525 -5.12 11.70 29.43
N MET C 526 -4.35 12.75 29.18
CA MET C 526 -4.29 13.36 27.86
C MET C 526 -3.95 12.34 26.78
N LYS C 527 -3.23 11.29 27.16
CA LYS C 527 -2.84 10.24 26.21
C LYS C 527 -4.03 9.39 25.80
N LEU C 528 -4.93 9.15 26.74
CA LEU C 528 -6.14 8.37 26.46
C LEU C 528 -7.25 9.27 25.94
N GLU C 529 -7.22 10.54 26.34
CA GLU C 529 -8.18 11.52 25.84
C GLU C 529 -7.89 11.81 24.38
N VAL C 530 -6.62 11.76 24.01
CA VAL C 530 -6.22 11.94 22.62
C VAL C 530 -6.60 10.69 21.82
N GLN C 531 -6.23 9.52 22.34
CA GLN C 531 -6.55 8.26 21.69
C GLN C 531 -8.03 8.14 21.38
N ALA C 532 -8.86 8.55 22.34
CA ALA C 532 -10.31 8.44 22.21
C ALA C 532 -10.85 9.24 21.02
N THR C 533 -10.59 10.53 21.03
CA THR C 533 -11.07 11.41 19.96
C THR C 533 -10.40 11.08 18.62
N ASP C 534 -9.15 10.65 18.70
CA ASP C 534 -8.41 10.18 17.52
C ASP C 534 -9.13 8.99 16.91
N ARG C 535 -9.17 7.87 17.65
CA ARG C 535 -9.83 6.66 17.20
C ARG C 535 -11.24 6.94 16.67
N GLU C 536 -11.93 7.88 17.29
CA GLU C 536 -13.29 8.24 16.89
C GLU C 536 -13.29 9.02 15.58
N GLU C 537 -12.39 9.99 15.47
CA GLU C 537 -12.27 10.78 14.26
C GLU C 537 -12.18 9.86 13.03
N ASN C 538 -11.32 8.86 13.12
CA ASN C 538 -11.14 7.92 12.03
C ASN C 538 -12.33 6.98 11.86
N LYS C 539 -12.92 7.02 10.67
CA LYS C 539 -14.01 6.11 10.31
C LYS C 539 -13.60 5.26 9.10
N GLN C 540 -13.41 5.91 7.96
CA GLN C 540 -13.00 5.23 6.74
C GLN C 540 -11.49 5.32 6.55
N SER C 546 -1.92 7.53 1.77
CA SER C 546 -0.89 8.44 1.26
C SER C 546 0.34 8.41 2.15
N LYS C 547 0.12 8.08 3.42
CA LYS C 547 1.17 8.06 4.44
C LYS C 547 2.40 7.27 3.99
N LEU C 548 2.18 6.27 3.15
CA LEU C 548 3.24 5.39 2.70
C LEU C 548 3.74 5.74 1.30
N ASN C 549 3.12 6.71 0.63
CA ASN C 549 3.42 6.90 -0.79
C ASN C 549 3.46 8.32 -1.35
N PHE C 550 2.40 9.08 -1.11
CA PHE C 550 2.24 10.36 -1.78
C PHE C 550 2.76 11.55 -0.99
N LEU C 551 3.15 11.31 0.25
CA LEU C 551 3.59 12.40 1.12
C LEU C 551 5.11 12.48 1.23
N ASP C 552 5.67 13.63 0.86
CA ASP C 552 7.08 13.89 1.07
C ASP C 552 7.34 13.83 2.56
N PRO C 553 8.21 12.91 2.97
CA PRO C 553 8.52 12.71 4.39
C PRO C 553 9.19 13.94 4.99
N ARG C 554 10.05 14.58 4.19
CA ARG C 554 10.77 15.77 4.64
C ARG C 554 9.83 16.78 5.29
N ILE C 555 8.62 16.89 4.75
CA ILE C 555 7.60 17.77 5.31
C ILE C 555 7.37 17.41 6.77
N THR C 556 7.27 16.12 7.05
CA THR C 556 7.03 15.63 8.40
C THR C 556 8.25 15.87 9.28
N VAL C 557 9.43 15.53 8.75
CA VAL C 557 10.67 15.71 9.47
C VAL C 557 10.86 17.15 9.93
N ALA C 558 10.59 18.09 9.04
CA ALA C 558 10.71 19.52 9.35
C ALA C 558 9.72 19.95 10.43
N TRP C 559 8.52 19.40 10.37
CA TRP C 559 7.50 19.66 11.38
C TRP C 559 7.91 19.08 12.72
N CYS C 560 8.22 17.78 12.72
CA CYS C 560 8.64 17.08 13.92
C CYS C 560 9.80 17.78 14.61
N LYS C 561 10.73 18.31 13.81
CA LYS C 561 11.90 18.97 14.36
C LYS C 561 11.58 20.33 14.95
N LYS C 562 10.85 21.15 14.19
CA LYS C 562 10.52 22.51 14.63
C LYS C 562 9.65 22.54 15.87
N TRP C 563 8.76 21.56 16.00
CA TRP C 563 7.90 21.47 17.18
C TRP C 563 8.44 20.49 18.23
N GLY C 564 9.71 20.10 18.07
CA GLY C 564 10.37 19.23 19.01
C GLY C 564 9.60 17.96 19.29
N VAL C 565 9.18 17.27 18.23
CA VAL C 565 8.50 16.00 18.36
C VAL C 565 9.39 14.86 17.86
N PRO C 566 9.75 13.96 18.76
CA PRO C 566 10.53 12.77 18.39
C PRO C 566 9.87 11.99 17.25
N ILE C 567 10.64 11.67 16.23
CA ILE C 567 10.13 10.97 15.05
C ILE C 567 9.61 9.58 15.39
N GLU C 568 10.12 9.01 16.47
CA GLU C 568 9.72 7.67 16.91
C GLU C 568 8.20 7.58 17.08
N LYS C 569 7.57 8.70 17.40
CA LYS C 569 6.14 8.73 17.72
C LYS C 569 5.27 8.76 16.47
N ILE C 570 5.85 9.21 15.36
CA ILE C 570 5.12 9.34 14.10
C ILE C 570 5.44 8.18 13.15
N TYR C 571 6.69 7.73 13.18
CA TYR C 571 7.15 6.69 12.27
C TYR C 571 7.61 5.42 13.00
N ASN C 572 7.20 4.26 12.50
CA ASN C 572 7.72 3.00 13.03
C ASN C 572 9.05 2.67 12.37
N LYS C 573 9.65 1.55 12.75
CA LYS C 573 10.96 1.16 12.22
C LYS C 573 10.92 0.95 10.71
N THR C 574 9.81 0.40 10.22
CA THR C 574 9.61 0.24 8.79
C THR C 574 9.73 1.60 8.09
N GLN C 575 9.16 2.63 8.72
CA GLN C 575 9.08 3.95 8.13
C GLN C 575 10.40 4.71 8.15
N ARG C 576 11.02 4.80 9.33
CA ARG C 576 12.27 5.55 9.44
C ARG C 576 13.46 4.84 8.81
N GLU C 577 13.35 3.52 8.64
CA GLU C 577 14.41 2.75 7.97
C GLU C 577 14.39 3.06 6.47
N LYS C 578 13.21 3.37 5.95
CA LYS C 578 13.07 3.73 4.54
C LYS C 578 13.23 5.23 4.34
N PHE C 579 12.75 6.00 5.31
CA PHE C 579 12.82 7.45 5.22
C PHE C 579 14.11 7.99 5.84
N ALA C 580 15.09 7.09 5.97
CA ALA C 580 16.39 7.44 6.53
C ALA C 580 16.92 8.75 5.96
N TRP C 581 16.92 8.86 4.64
CA TRP C 581 17.46 10.05 3.99
C TRP C 581 16.71 11.32 4.40
N ALA C 582 15.38 11.25 4.46
CA ALA C 582 14.58 12.42 4.79
C ALA C 582 14.73 12.79 6.26
N ILE C 583 14.80 11.78 7.11
CA ILE C 583 15.00 12.00 8.54
C ILE C 583 16.34 12.71 8.78
N ASP C 584 17.29 12.45 7.90
CA ASP C 584 18.63 13.03 8.02
C ASP C 584 18.73 14.41 7.40
N MET C 585 18.59 14.49 6.09
CA MET C 585 18.85 15.73 5.35
C MET C 585 17.64 16.67 5.29
N ALA C 586 17.09 17.01 6.44
CA ALA C 586 15.95 17.93 6.50
C ALA C 586 15.99 18.80 7.75
N ASP C 587 16.25 20.09 7.58
CA ASP C 587 16.25 21.03 8.70
C ASP C 587 14.82 21.38 9.09
N GLU C 588 14.65 22.03 10.23
CA GLU C 588 13.32 22.35 10.73
C GLU C 588 12.59 23.36 9.84
N ASP C 589 13.33 23.98 8.92
CA ASP C 589 12.76 25.00 8.05
C ASP C 589 12.71 24.55 6.59
N TYR C 590 12.30 23.31 6.37
CA TYR C 590 12.15 22.79 5.02
C TYR C 590 10.73 23.01 4.52
N GLU C 591 10.60 23.56 3.32
CA GLU C 591 9.29 23.71 2.70
C GLU C 591 9.28 23.07 1.32
N PHE C 592 8.19 22.37 1.00
CA PHE C 592 8.06 21.61 -0.23
C PHE C 592 8.52 22.39 -1.47
#